data_6Q2X
#
_entry.id   6Q2X
#
_cell.length_a   59.096
_cell.length_b   59.096
_cell.length_c   158.949
_cell.angle_alpha   90.000
_cell.angle_beta   90.000
_cell.angle_gamma   90.000
#
_symmetry.space_group_name_H-M   'P 41 21 2'
#
loop_
_entity.id
_entity.type
_entity.pdbx_description
1 polymer 'Transcriptional enhancer factor TEF-3'
2 polymer 'Transcriptional coactivator YAP1'
3 non-polymer GLYCEROL
4 non-polymer 'MYRISTIC ACID'
5 water water
#
loop_
_entity_poly.entity_id
_entity_poly.type
_entity_poly.pdbx_seq_one_letter_code
_entity_poly.pdbx_strand_id
1 'polypeptide(L)'
;GPRSVASSKLWMLEFSAFLEQQQDPDTYNKHLFVHIGQSSPSYSDPYLEAVDIRQIYDKFPEKKGGLKDLFERGPSNAFF
LVKFWADLNTNIEDEGSSFYGVSSQYESPENMIITCSTKVCSFGKQVVEKVETEYARYENGHYSYRIHRSPLCEYMINFI
HKLKHLPEKYMMNSVLENFTILQVVTNRDTQETLLCIAYVFEVSASEHGAQHHIYRLVKE
;
A
2 'polypeptide(L)' DSETDLEALFNAVMNPKTANVPQTVPMRLRKLPDSFFKPPE L
#
loop_
_chem_comp.id
_chem_comp.type
_chem_comp.name
_chem_comp.formula
GOL non-polymer GLYCEROL 'C3 H8 O3'
MYR non-polymer 'MYRISTIC ACID' 'C14 H28 O2'
#
# COMPACT_ATOMS: atom_id res chain seq x y z
N ARG A 3 16.89 0.58 -8.87
CA ARG A 3 15.64 1.41 -8.94
C ARG A 3 14.47 0.64 -9.55
N SER A 4 13.73 -0.07 -8.69
CA SER A 4 12.57 -0.86 -9.12
C SER A 4 11.35 0.01 -9.34
N VAL A 5 10.89 0.67 -8.27
CA VAL A 5 9.72 1.54 -8.32
C VAL A 5 10.18 2.89 -8.85
N ALA A 6 10.34 2.95 -10.17
CA ALA A 6 10.85 4.15 -10.83
C ALA A 6 10.27 4.30 -12.21
N SER A 7 9.67 5.46 -12.45
CA SER A 7 9.27 5.88 -13.79
C SER A 7 10.45 6.67 -14.36
N SER A 8 10.21 7.41 -15.43
CA SER A 8 11.26 8.26 -16.02
CA SER A 8 11.26 8.25 -16.02
C SER A 8 11.55 9.49 -15.17
N LYS A 9 10.55 9.92 -14.39
CA LYS A 9 10.64 11.17 -13.62
C LYS A 9 10.83 11.04 -12.11
N LEU A 10 10.55 9.86 -11.55
CA LEU A 10 10.58 9.70 -10.09
C LEU A 10 10.85 8.26 -9.67
N TRP A 11 11.59 8.12 -8.59
CA TRP A 11 11.97 6.82 -8.05
C TRP A 11 11.73 6.79 -6.56
N MET A 12 11.02 5.77 -6.08
CA MET A 12 10.83 5.58 -4.66
C MET A 12 11.96 4.71 -4.14
N LEU A 13 12.82 5.29 -3.33
CA LEU A 13 13.98 4.59 -2.77
C LEU A 13 13.60 3.85 -1.51
N GLU A 14 12.69 4.43 -0.75
CA GLU A 14 12.37 3.92 0.59
C GLU A 14 10.88 4.05 0.86
N PHE A 15 10.33 3.03 1.50
CA PHE A 15 8.96 3.04 2.00
C PHE A 15 8.94 2.12 3.22
N SER A 16 8.38 2.58 4.33
CA SER A 16 8.09 1.65 5.44
C SER A 16 6.97 2.13 6.35
N ALA A 17 6.24 1.15 6.88
CA ALA A 17 5.21 1.38 7.87
C ALA A 17 5.70 0.71 9.14
N PHE A 18 5.58 1.42 10.26
CA PHE A 18 6.20 0.96 11.49
C PHE A 18 5.39 1.34 12.72
N LEU A 19 5.66 0.63 13.81
CA LEU A 19 5.19 0.97 15.13
C LEU A 19 6.42 1.27 16.00
N GLU A 20 6.50 2.49 16.50
CA GLU A 20 7.56 2.86 17.41
C GLU A 20 6.99 3.00 18.81
N GLN A 21 7.58 2.28 19.75
CA GLN A 21 7.14 2.36 21.14
C GLN A 21 8.22 3.01 22.01
N GLN A 22 7.81 4.05 22.74
CA GLN A 22 8.68 4.74 23.68
C GLN A 22 8.67 4.00 25.02
N GLN A 23 9.75 3.28 25.29
CA GLN A 23 9.93 2.58 26.56
C GLN A 23 10.18 3.58 27.68
N ASP A 24 11.20 4.42 27.50
CA ASP A 24 11.44 5.58 28.37
C ASP A 24 11.93 6.75 27.50
N PRO A 25 12.11 7.95 28.07
CA PRO A 25 12.51 9.12 27.26
C PRO A 25 13.75 8.93 26.37
N ASP A 26 14.57 7.93 26.66
CA ASP A 26 15.78 7.67 25.88
C ASP A 26 15.80 6.33 25.12
N THR A 27 14.70 5.58 25.20
CA THR A 27 14.67 4.21 24.69
C THR A 27 13.43 4.00 23.83
N TYR A 28 13.66 3.66 22.57
CA TYR A 28 12.61 3.45 21.59
C TYR A 28 12.78 2.11 20.89
N ASN A 29 11.69 1.35 20.80
CA ASN A 29 11.69 0.10 20.05
C ASN A 29 10.83 0.28 18.82
N LYS A 30 11.39 -0.03 17.66
CA LYS A 30 10.69 0.12 16.41
C LYS A 30 10.48 -1.22 15.73
N HIS A 31 9.22 -1.51 15.39
CA HIS A 31 8.87 -2.66 14.60
C HIS A 31 8.42 -2.25 13.21
N LEU A 32 9.00 -2.84 12.18
CA LEU A 32 8.57 -2.58 10.81
C LEU A 32 7.49 -3.59 10.41
N PHE A 33 6.36 -3.10 9.91
CA PHE A 33 5.31 -3.98 9.39
C PHE A 33 5.64 -4.41 7.96
N VAL A 34 6.00 -3.42 7.15
CA VAL A 34 6.41 -3.60 5.77
C VAL A 34 7.57 -2.64 5.50
N HIS A 35 8.44 -2.99 4.55
CA HIS A 35 9.54 -2.12 4.14
C HIS A 35 10.06 -2.40 2.74
N ILE A 36 10.41 -1.33 2.05
CA ILE A 36 11.17 -1.37 0.80
C ILE A 36 12.32 -0.39 1.03
N GLY A 37 13.54 -0.80 0.68
CA GLY A 37 14.72 0.03 0.90
C GLY A 37 16.01 -0.73 0.69
N LEU A 48 11.89 -7.21 -12.98
CA LEU A 48 10.47 -7.06 -12.63
C LEU A 48 9.53 -7.84 -13.54
N GLU A 49 8.88 -8.86 -12.98
CA GLU A 49 7.77 -9.55 -13.67
C GLU A 49 6.58 -8.60 -13.89
N ALA A 50 5.78 -8.93 -14.90
CA ALA A 50 4.62 -8.14 -15.27
C ALA A 50 3.32 -8.75 -14.75
N VAL A 51 2.40 -7.88 -14.34
CA VAL A 51 1.05 -8.32 -13.96
C VAL A 51 0.03 -7.62 -14.86
N ASP A 52 -0.92 -8.41 -15.36
CA ASP A 52 -2.06 -7.93 -16.11
C ASP A 52 -2.93 -7.10 -15.16
N ILE A 53 -2.95 -5.79 -15.38
CA ILE A 53 -3.68 -4.85 -14.51
C ILE A 53 -5.18 -5.17 -14.43
N ARG A 54 -5.74 -5.70 -15.52
CA ARG A 54 -7.16 -6.10 -15.55
C ARG A 54 -7.51 -7.14 -14.48
N GLN A 55 -6.52 -7.93 -14.06
CA GLN A 55 -6.70 -8.92 -12.99
C GLN A 55 -6.91 -8.31 -11.60
N ILE A 56 -6.59 -7.02 -11.44
CA ILE A 56 -6.69 -6.36 -10.12
C ILE A 56 -7.61 -5.14 -10.08
N TYR A 57 -8.09 -4.69 -11.24
CA TYR A 57 -8.99 -3.53 -11.32
C TYR A 57 -10.13 -3.55 -10.30
N ASP A 58 -10.70 -4.73 -10.06
CA ASP A 58 -11.82 -4.88 -9.09
C ASP A 58 -11.44 -4.53 -7.65
N LYS A 59 -10.15 -4.55 -7.35
CA LYS A 59 -9.65 -4.31 -5.99
C LYS A 59 -9.38 -2.84 -5.70
N PHE A 60 -9.68 -1.98 -6.67
CA PHE A 60 -9.30 -0.58 -6.58
C PHE A 60 -10.42 0.33 -7.09
N PRO A 61 -10.37 1.62 -6.74
CA PRO A 61 -11.47 2.52 -7.13
C PRO A 61 -11.60 2.62 -8.64
N GLU A 62 -12.83 2.73 -9.11
CA GLU A 62 -13.11 2.81 -10.53
C GLU A 62 -13.54 4.23 -10.87
N LYS A 63 -14.04 4.45 -12.09
CA LYS A 63 -14.48 5.77 -12.55
C LYS A 63 -13.30 6.74 -12.71
N LYS A 64 -13.61 7.99 -13.08
CA LYS A 64 -12.60 9.01 -13.35
C LYS A 64 -11.67 9.20 -12.16
N GLY A 65 -10.37 9.29 -12.43
CA GLY A 65 -9.36 9.37 -11.36
C GLY A 65 -9.07 8.03 -10.69
N GLY A 66 -9.74 6.98 -11.13
CA GLY A 66 -9.53 5.64 -10.59
C GLY A 66 -8.38 4.94 -11.29
N LEU A 67 -8.05 3.74 -10.82
CA LEU A 67 -6.87 3.03 -11.33
C LEU A 67 -6.89 2.85 -12.85
N LYS A 68 -8.04 2.46 -13.38
CA LYS A 68 -8.20 2.23 -14.81
C LYS A 68 -8.02 3.52 -15.59
N ASP A 69 -8.71 4.58 -15.18
CA ASP A 69 -8.58 5.90 -15.80
C ASP A 69 -7.13 6.38 -15.75
N LEU A 70 -6.49 6.27 -14.58
CA LEU A 70 -5.09 6.66 -14.41
C LEU A 70 -4.15 5.89 -15.34
N PHE A 71 -4.29 4.56 -15.36
CA PHE A 71 -3.47 3.70 -16.21
C PHE A 71 -3.64 4.03 -17.70
N GLU A 72 -4.87 4.28 -18.13
CA GLU A 72 -5.14 4.60 -19.55
C GLU A 72 -4.52 5.94 -19.96
N ARG A 73 -4.51 6.90 -19.04
CA ARG A 73 -3.90 8.20 -19.30
C ARG A 73 -2.37 8.12 -19.38
N GLY A 74 -1.77 7.16 -18.67
CA GLY A 74 -0.33 6.94 -18.73
C GLY A 74 0.51 7.91 -17.90
N PRO A 75 1.84 7.84 -18.04
CA PRO A 75 2.57 6.88 -18.88
C PRO A 75 2.53 5.49 -18.25
N SER A 76 2.62 4.45 -19.08
CA SER A 76 2.47 3.09 -18.60
C SER A 76 3.66 2.63 -17.75
N ASN A 77 4.81 3.29 -17.89
CA ASN A 77 6.00 2.98 -17.08
C ASN A 77 5.99 3.52 -15.65
N ALA A 78 4.88 4.13 -15.23
CA ALA A 78 4.75 4.70 -13.90
C ALA A 78 3.95 3.78 -12.95
N PHE A 79 3.50 2.64 -13.47
CA PHE A 79 2.51 1.83 -12.78
C PHE A 79 3.05 0.50 -12.25
N PHE A 80 2.92 0.33 -10.94
CA PHE A 80 3.52 -0.79 -10.22
C PHE A 80 2.54 -1.46 -9.27
N LEU A 81 2.74 -2.76 -9.07
CA LEU A 81 2.00 -3.50 -8.07
C LEU A 81 3.00 -4.10 -7.10
N VAL A 82 2.81 -3.79 -5.81
CA VAL A 82 3.65 -4.34 -4.75
C VAL A 82 2.85 -5.34 -3.91
N LYS A 83 3.35 -6.58 -3.85
CA LYS A 83 2.81 -7.58 -2.92
C LYS A 83 3.65 -7.59 -1.65
N PHE A 84 3.01 -7.27 -0.52
CA PHE A 84 3.67 -7.26 0.77
C PHE A 84 3.24 -8.48 1.56
N TRP A 85 4.21 -9.14 2.21
CA TRP A 85 3.93 -10.02 3.33
C TRP A 85 4.25 -9.21 4.58
N ALA A 86 3.23 -8.87 5.34
CA ALA A 86 3.37 -7.96 6.49
C ALA A 86 3.76 -8.70 7.76
N ASP A 87 4.67 -8.10 8.52
CA ASP A 87 5.10 -8.63 9.81
C ASP A 87 4.23 -8.03 10.89
N LEU A 88 3.35 -8.84 11.46
CA LEU A 88 2.44 -8.41 12.51
C LEU A 88 2.87 -8.90 13.90
N ASN A 89 4.06 -9.47 13.99
CA ASN A 89 4.60 -9.96 15.27
C ASN A 89 5.19 -8.82 16.11
N THR A 90 4.32 -8.12 16.83
CA THR A 90 4.73 -6.99 17.68
C THR A 90 3.69 -6.63 18.73
N ASN A 91 4.16 -6.15 19.87
CA ASN A 91 3.31 -5.69 20.96
C ASN A 91 2.75 -4.29 20.70
N GLY A 96 -0.54 4.63 24.57
CA GLY A 96 -0.18 5.88 25.24
C GLY A 96 1.29 6.23 25.11
N SER A 97 2.09 5.29 24.62
CA SER A 97 3.50 5.51 24.33
C SER A 97 3.86 4.88 22.98
N SER A 98 2.93 4.93 22.04
CA SER A 98 3.09 4.33 20.72
C SER A 98 2.91 5.35 19.60
N PHE A 99 3.72 5.21 18.56
CA PHE A 99 3.53 5.98 17.33
C PHE A 99 3.52 5.03 16.13
N TYR A 100 2.40 5.04 15.41
CA TYR A 100 2.25 4.33 14.15
C TYR A 100 2.55 5.35 13.04
N GLY A 101 3.56 5.04 12.24
CA GLY A 101 3.98 5.96 11.20
C GLY A 101 4.36 5.29 9.90
N VAL A 102 4.53 6.11 8.88
CA VAL A 102 4.97 5.70 7.56
C VAL A 102 6.04 6.68 7.11
N SER A 103 7.12 6.17 6.55
CA SER A 103 8.15 7.01 5.97
C SER A 103 8.42 6.57 4.55
N SER A 104 8.75 7.53 3.68
CA SER A 104 9.10 7.24 2.29
C SER A 104 10.06 8.28 1.72
N GLN A 105 10.87 7.87 0.75
CA GLN A 105 11.81 8.77 0.11
C GLN A 105 11.81 8.56 -1.40
N TYR A 106 11.99 9.66 -2.13
CA TYR A 106 11.96 9.68 -3.59
C TYR A 106 13.11 10.53 -4.14
N GLU A 107 13.57 10.19 -5.33
CA GLU A 107 14.55 11.00 -6.04
C GLU A 107 14.07 11.31 -7.45
N SER A 108 14.46 12.47 -7.96
CA SER A 108 14.11 12.90 -9.30
CA SER A 108 14.13 12.87 -9.31
C SER A 108 15.23 13.76 -9.90
N PRO A 109 15.42 13.68 -11.24
CA PRO A 109 16.35 14.66 -11.81
C PRO A 109 15.74 16.05 -11.81
N GLU A 110 14.42 16.14 -11.61
CA GLU A 110 13.67 17.40 -11.71
C GLU A 110 13.22 17.94 -10.35
N ASN A 111 13.19 19.28 -10.26
CA ASN A 111 12.71 20.02 -9.12
C ASN A 111 11.20 20.24 -9.29
N MET A 112 10.41 19.41 -8.64
CA MET A 112 8.97 19.47 -8.78
C MET A 112 8.31 19.70 -7.45
N ILE A 113 7.08 20.17 -7.49
CA ILE A 113 6.21 20.10 -6.32
C ILE A 113 5.32 18.90 -6.59
N ILE A 114 5.42 17.91 -5.72
CA ILE A 114 4.67 16.67 -5.92
C ILE A 114 3.56 16.51 -4.89
N THR A 115 2.49 15.82 -5.30
CA THR A 115 1.43 15.45 -4.37
CA THR A 115 1.40 15.46 -4.41
C THR A 115 1.35 13.94 -4.26
N CYS A 116 1.34 13.46 -3.03
CA CYS A 116 1.24 12.03 -2.77
C CYS A 116 -0.12 11.77 -2.17
N SER A 117 -0.92 11.00 -2.89
CA SER A 117 -2.29 10.68 -2.48
C SER A 117 -2.38 9.18 -2.19
N THR A 118 -2.67 8.84 -0.95
CA THR A 118 -2.74 7.45 -0.51
C THR A 118 -4.18 7.10 -0.17
N LYS A 119 -4.74 6.14 -0.89
CA LYS A 119 -6.12 5.70 -0.65
C LYS A 119 -6.18 4.29 -0.08
N VAL A 120 -6.88 4.14 1.03
CA VAL A 120 -7.14 2.82 1.59
C VAL A 120 -8.50 2.36 1.06
N CYS A 121 -8.52 1.13 0.53
CA CYS A 121 -9.71 0.60 -0.12
C CYS A 121 -10.14 -0.72 0.48
N SER A 122 -11.46 -0.93 0.54
CA SER A 122 -12.01 -2.19 1.01
C SER A 122 -13.02 -2.66 -0.03
N PHE A 123 -12.81 -3.87 -0.54
CA PHE A 123 -13.56 -4.39 -1.67
C PHE A 123 -13.59 -3.36 -2.82
N GLY A 124 -12.44 -2.74 -3.10
CA GLY A 124 -12.34 -1.76 -4.18
C GLY A 124 -12.99 -0.40 -3.96
N LYS A 125 -13.58 -0.18 -2.78
CA LYS A 125 -14.19 1.11 -2.45
C LYS A 125 -13.26 1.92 -1.55
N GLN A 126 -13.06 3.20 -1.89
CA GLN A 126 -12.22 4.08 -1.09
C GLN A 126 -12.85 4.30 0.29
N VAL A 127 -12.08 4.03 1.33
CA VAL A 127 -12.57 4.25 2.69
CA VAL A 127 -12.50 4.19 2.73
C VAL A 127 -11.96 5.50 3.31
N VAL A 128 -10.67 5.74 3.08
CA VAL A 128 -9.97 6.95 3.51
C VAL A 128 -8.91 7.32 2.51
N GLU A 129 -8.61 8.62 2.48
CA GLU A 129 -7.51 9.13 1.66
C GLU A 129 -6.66 10.08 2.51
N LYS A 130 -5.34 9.94 2.37
CA LYS A 130 -4.39 10.91 2.91
C LYS A 130 -3.72 11.60 1.72
N VAL A 131 -3.62 12.93 1.79
CA VAL A 131 -3.01 13.72 0.71
C VAL A 131 -1.87 14.56 1.29
N GLU A 132 -0.70 14.49 0.66
CA GLU A 132 0.50 15.19 1.15
C GLU A 132 1.22 15.89 0.00
N THR A 133 1.65 17.13 0.25
CA THR A 133 2.40 17.91 -0.71
C THR A 133 3.86 17.92 -0.31
N GLU A 134 4.75 17.67 -1.26
CA GLU A 134 6.18 17.59 -0.96
C GLU A 134 7.01 18.44 -1.92
N TYR A 135 7.95 19.18 -1.35
CA TYR A 135 8.86 20.05 -2.10
C TYR A 135 10.25 19.40 -2.16
N ALA A 136 11.03 19.79 -3.17
CA ALA A 136 12.32 19.16 -3.44
C ALA A 136 13.43 19.72 -2.55
N ARG A 137 14.41 18.88 -2.26
CA ARG A 137 15.69 19.35 -1.68
C ARG A 137 16.79 18.96 -2.66
N TYR A 138 17.63 19.94 -3.03
CA TYR A 138 18.77 19.62 -3.88
C TYR A 138 19.70 18.68 -3.11
N GLU A 139 20.19 17.65 -3.80
CA GLU A 139 21.05 16.62 -3.23
C GLU A 139 21.85 15.97 -4.35
N ASN A 140 23.07 16.45 -4.59
CA ASN A 140 24.01 15.79 -5.50
C ASN A 140 23.63 15.83 -6.98
N GLY A 141 23.21 16.98 -7.47
CA GLY A 141 22.80 17.09 -8.87
C GLY A 141 21.36 16.68 -9.12
N HIS A 142 20.79 15.86 -8.22
CA HIS A 142 19.37 15.48 -8.31
C HIS A 142 18.56 16.08 -7.14
N TYR A 143 17.28 15.73 -7.08
CA TYR A 143 16.40 16.26 -6.03
C TYR A 143 15.76 15.14 -5.21
N SER A 144 15.76 15.32 -3.89
CA SER A 144 15.12 14.35 -3.01
C SER A 144 13.84 14.87 -2.38
N TYR A 145 12.90 13.95 -2.17
CA TYR A 145 11.64 14.21 -1.50
C TYR A 145 11.53 13.17 -0.40
N ARG A 146 11.13 13.61 0.78
CA ARG A 146 10.97 12.71 1.89
C ARG A 146 9.65 13.00 2.59
N ILE A 147 8.86 11.95 2.79
CA ILE A 147 7.73 12.03 3.69
C ILE A 147 8.23 11.33 4.95
N HIS A 148 8.47 12.13 5.98
CA HIS A 148 9.13 11.63 7.20
C HIS A 148 8.11 11.46 8.33
N ARG A 149 7.99 10.23 8.83
CA ARG A 149 7.11 9.88 9.95
C ARG A 149 5.69 10.46 9.84
N SER A 150 5.06 10.25 8.69
CA SER A 150 3.68 10.61 8.50
C SER A 150 2.82 9.75 9.42
N PRO A 151 1.95 10.37 10.24
CA PRO A 151 1.13 9.56 11.13
C PRO A 151 0.22 8.64 10.34
N LEU A 152 0.18 7.37 10.72
CA LEU A 152 -0.75 6.42 10.14
C LEU A 152 -2.15 6.82 10.61
N CYS A 153 -3.12 6.85 9.72
CA CYS A 153 -4.50 7.21 10.09
C CYS A 153 -5.12 6.19 11.05
N GLU A 154 -6.11 6.68 11.82
CA GLU A 154 -6.78 5.86 12.83
C GLU A 154 -7.42 4.60 12.27
N TYR A 155 -8.01 4.70 11.08
CA TYR A 155 -8.55 3.53 10.39
C TYR A 155 -7.51 2.42 10.27
N MET A 156 -6.29 2.78 9.89
CA MET A 156 -5.21 1.81 9.74
C MET A 156 -4.78 1.22 11.07
N ILE A 157 -4.67 2.06 12.08
CA ILE A 157 -4.37 1.63 13.44
C ILE A 157 -5.43 0.63 13.92
N ASN A 158 -6.70 1.01 13.74
CA ASN A 158 -7.85 0.17 14.12
C ASN A 158 -7.89 -1.15 13.35
N PHE A 159 -7.66 -1.08 12.04
CA PHE A 159 -7.57 -2.27 11.20
C PHE A 159 -6.47 -3.24 11.68
N ILE A 160 -5.31 -2.70 12.03
CA ILE A 160 -4.20 -3.52 12.55
C ILE A 160 -4.58 -4.17 13.90
N HIS A 161 -5.27 -3.41 14.75
CA HIS A 161 -5.73 -3.92 16.04
C HIS A 161 -6.68 -5.11 15.85
N LYS A 162 -7.64 -4.94 14.95
CA LYS A 162 -8.61 -6.00 14.67
C LYS A 162 -7.96 -7.24 14.05
N LEU A 163 -7.03 -7.01 13.12
CA LEU A 163 -6.26 -8.10 12.50
C LEU A 163 -5.58 -9.00 13.52
N LYS A 164 -4.84 -8.39 14.43
CA LYS A 164 -4.03 -9.12 15.41
C LYS A 164 -4.90 -9.84 16.43
N HIS A 165 -6.13 -9.36 16.61
CA HIS A 165 -7.07 -9.96 17.56
C HIS A 165 -7.98 -11.03 16.96
N LEU A 166 -7.72 -11.40 15.71
CA LEU A 166 -8.37 -12.55 15.07
C LEU A 166 -7.72 -13.85 15.56
N PRO A 167 -8.53 -14.88 15.85
CA PRO A 167 -8.03 -16.16 16.36
C PRO A 167 -6.92 -16.79 15.53
N GLU A 168 -7.12 -16.85 14.21
CA GLU A 168 -6.25 -17.65 13.35
C GLU A 168 -5.62 -16.85 12.21
N LYS A 169 -4.40 -17.25 11.84
CA LYS A 169 -3.63 -16.59 10.79
C LYS A 169 -4.35 -16.63 9.45
N TYR A 170 -5.05 -17.74 9.17
CA TYR A 170 -5.77 -17.92 7.92
C TYR A 170 -6.88 -16.86 7.78
N MET A 171 -7.42 -16.43 8.92
CA MET A 171 -8.44 -15.39 8.98
C MET A 171 -7.88 -14.03 8.57
N MET A 172 -6.67 -13.74 9.03
CA MET A 172 -5.97 -12.49 8.69
C MET A 172 -5.83 -12.34 7.17
N ASN A 173 -5.35 -13.39 6.51
CA ASN A 173 -5.22 -13.40 5.05
C ASN A 173 -6.55 -13.29 4.32
N SER A 174 -7.59 -13.90 4.87
CA SER A 174 -8.95 -13.81 4.30
C SER A 174 -9.48 -12.37 4.35
N VAL A 175 -9.24 -11.68 5.46
CA VAL A 175 -9.55 -10.26 5.56
C VAL A 175 -8.71 -9.46 4.56
N LEU A 176 -7.41 -9.73 4.52
CA LEU A 176 -6.47 -8.99 3.67
C LEU A 176 -6.69 -9.16 2.16
N GLU A 177 -7.33 -10.25 1.75
CA GLU A 177 -7.71 -10.45 0.35
C GLU A 177 -8.43 -9.24 -0.23
N ASN A 178 -9.22 -8.57 0.61
CA ASN A 178 -10.06 -7.46 0.15
C ASN A 178 -9.69 -6.10 0.73
N PHE A 179 -8.43 -5.97 1.09
CA PHE A 179 -7.90 -4.75 1.64
C PHE A 179 -6.70 -4.35 0.78
N THR A 180 -6.80 -3.17 0.17
CA THR A 180 -5.72 -2.69 -0.68
C THR A 180 -5.41 -1.23 -0.41
N ILE A 181 -4.23 -0.80 -0.88
CA ILE A 181 -3.85 0.62 -0.78
C ILE A 181 -3.37 1.10 -2.16
N LEU A 182 -3.87 2.26 -2.57
CA LEU A 182 -3.43 2.87 -3.81
C LEU A 182 -2.71 4.18 -3.52
N GLN A 183 -1.45 4.27 -3.97
CA GLN A 183 -0.65 5.47 -3.81
C GLN A 183 -0.42 6.09 -5.18
N VAL A 184 -0.83 7.35 -5.33
CA VAL A 184 -0.64 8.06 -6.59
C VAL A 184 0.22 9.30 -6.31
N VAL A 185 1.38 9.35 -6.95
CA VAL A 185 2.28 10.49 -6.82
C VAL A 185 2.25 11.28 -8.11
N THR A 186 1.86 12.55 -8.00
CA THR A 186 1.56 13.41 -9.14
CA THR A 186 1.65 13.38 -9.18
C THR A 186 2.44 14.68 -9.10
N ASN A 187 2.78 15.21 -10.27
CA ASN A 187 3.33 16.54 -10.36
C ASN A 187 2.16 17.48 -10.09
N ARG A 188 2.23 18.27 -9.01
CA ARG A 188 1.06 19.08 -8.65
C ARG A 188 0.60 20.04 -9.74
N ASP A 189 1.54 20.67 -10.46
CA ASP A 189 1.20 21.71 -11.44
C ASP A 189 0.66 21.13 -12.75
N THR A 190 1.24 20.02 -13.18
CA THR A 190 0.92 19.44 -14.48
C THR A 190 -0.04 18.25 -14.38
N GLN A 191 -0.18 17.71 -13.17
CA GLN A 191 -1.03 16.54 -12.91
C GLN A 191 -0.55 15.25 -13.60
N GLU A 192 0.69 15.27 -14.10
CA GLU A 192 1.31 14.07 -14.64
C GLU A 192 1.48 13.05 -13.52
N THR A 193 1.08 11.80 -13.79
CA THR A 193 1.35 10.67 -12.89
C THR A 193 2.83 10.35 -12.92
N LEU A 194 3.49 10.55 -11.79
CA LEU A 194 4.92 10.27 -11.65
C LEU A 194 5.13 8.83 -11.21
N LEU A 195 4.27 8.39 -10.29
CA LEU A 195 4.27 7.03 -9.76
C LEU A 195 2.88 6.65 -9.31
N CYS A 196 2.45 5.46 -9.69
CA CYS A 196 1.21 4.92 -9.17
C CYS A 196 1.46 3.51 -8.69
N ILE A 197 1.29 3.29 -7.40
CA ILE A 197 1.61 2.00 -6.80
C ILE A 197 0.39 1.40 -6.13
N ALA A 198 0.06 0.19 -6.56
CA ALA A 198 -1.02 -0.58 -5.97
C ALA A 198 -0.43 -1.59 -5.00
N TYR A 199 -0.97 -1.62 -3.80
CA TYR A 199 -0.43 -2.48 -2.74
C TYR A 199 -1.43 -3.55 -2.31
N VAL A 200 -0.95 -4.79 -2.33
CA VAL A 200 -1.72 -5.97 -1.95
CA VAL A 200 -1.74 -5.95 -1.90
C VAL A 200 -0.99 -6.67 -0.78
N PHE A 201 -1.73 -7.34 0.10
CA PHE A 201 -1.19 -7.84 1.37
C PHE A 201 -1.52 -9.28 1.73
N GLU A 202 -0.50 -9.97 2.25
CA GLU A 202 -0.68 -11.20 3.03
C GLU A 202 0.08 -11.03 4.34
N VAL A 203 -0.15 -11.94 5.28
CA VAL A 203 0.59 -11.95 6.53
C VAL A 203 1.87 -12.75 6.32
N SER A 204 2.98 -12.24 6.85
CA SER A 204 4.25 -12.95 6.81
C SER A 204 4.21 -14.19 7.70
N ALA A 205 4.71 -15.31 7.16
CA ALA A 205 4.84 -16.55 7.91
C ALA A 205 6.33 -16.86 8.09
N SER A 206 7.17 -15.99 7.54
CA SER A 206 8.60 -16.22 7.43
C SER A 206 9.38 -15.90 8.71
N GLU A 207 10.52 -16.57 8.85
CA GLU A 207 11.44 -16.32 9.94
C GLU A 207 12.24 -15.05 9.68
N HIS A 208 12.23 -14.60 8.43
CA HIS A 208 12.92 -13.36 8.05
C HIS A 208 12.00 -12.12 8.03
N GLY A 209 10.80 -12.26 8.61
CA GLY A 209 9.87 -11.15 8.76
C GLY A 209 9.21 -10.69 7.47
N ALA A 210 9.05 -9.37 7.34
CA ALA A 210 8.41 -8.75 6.18
C ALA A 210 9.14 -9.05 4.87
N GLN A 211 8.37 -9.35 3.84
CA GLN A 211 8.93 -9.55 2.50
C GLN A 211 8.07 -8.82 1.47
N HIS A 212 8.55 -8.77 0.24
CA HIS A 212 7.83 -8.12 -0.84
C HIS A 212 8.30 -8.57 -2.23
N HIS A 213 7.36 -8.50 -3.17
CA HIS A 213 7.63 -8.64 -4.59
C HIS A 213 7.11 -7.37 -5.26
N ILE A 214 7.88 -6.84 -6.21
CA ILE A 214 7.47 -5.68 -7.00
C ILE A 214 7.22 -6.09 -8.46
N TYR A 215 6.05 -5.73 -8.99
CA TYR A 215 5.69 -6.04 -10.38
C TYR A 215 5.40 -4.78 -11.18
N ARG A 216 5.65 -4.86 -12.49
CA ARG A 216 5.19 -3.85 -13.44
C ARG A 216 3.75 -4.19 -13.80
N LEU A 217 2.88 -3.18 -13.78
CA LEU A 217 1.50 -3.36 -14.24
C LEU A 217 1.40 -3.10 -15.74
N VAL A 218 0.86 -4.07 -16.47
CA VAL A 218 0.74 -3.98 -17.92
C VAL A 218 -0.69 -4.20 -18.40
N LYS A 219 -0.97 -3.69 -19.59
CA LYS A 219 -2.31 -3.71 -20.19
C LYS A 219 -2.77 -5.13 -20.51
N ASP B 1 -28.95 -6.70 -0.33
CA ASP B 1 -27.70 -5.91 -0.46
C ASP B 1 -26.71 -6.27 0.63
N SER B 2 -25.42 -6.18 0.29
CA SER B 2 -24.34 -6.48 1.24
C SER B 2 -23.71 -5.20 1.80
N GLU B 3 -23.11 -5.30 2.98
CA GLU B 3 -22.38 -4.18 3.61
C GLU B 3 -20.88 -4.29 3.36
N THR B 4 -20.17 -3.16 3.48
CA THR B 4 -18.73 -3.11 3.17
C THR B 4 -17.89 -2.39 4.23
N ASP B 5 -18.35 -2.40 5.48
CA ASP B 5 -17.72 -1.65 6.58
C ASP B 5 -16.82 -2.51 7.47
N LEU B 6 -16.10 -1.84 8.37
CA LEU B 6 -15.02 -2.46 9.15
C LEU B 6 -15.48 -3.66 9.98
N GLU B 7 -16.55 -3.48 10.74
CA GLU B 7 -17.12 -4.59 11.52
C GLU B 7 -17.63 -5.71 10.62
N ALA B 8 -18.34 -5.36 9.55
CA ALA B 8 -18.84 -6.34 8.57
C ALA B 8 -17.69 -7.16 7.99
N LEU B 9 -16.57 -6.49 7.70
CA LEU B 9 -15.39 -7.10 7.11
C LEU B 9 -14.82 -8.21 8.00
N PHE B 10 -14.61 -7.90 9.27
CA PHE B 10 -14.10 -8.88 10.24
C PHE B 10 -15.17 -9.90 10.67
N ASN B 11 -16.42 -9.46 10.78
CA ASN B 11 -17.56 -10.34 11.09
C ASN B 11 -17.71 -11.48 10.07
N ALA B 12 -17.57 -11.12 8.79
CA ALA B 12 -17.62 -12.06 7.68
C ALA B 12 -16.65 -13.23 7.84
N VAL B 13 -15.51 -12.95 8.48
CA VAL B 13 -14.48 -13.96 8.67
C VAL B 13 -14.57 -14.63 10.05
N MET B 14 -14.90 -13.86 11.09
CA MET B 14 -15.05 -14.40 12.45
C MET B 14 -16.27 -15.29 12.60
N ASN B 15 -17.38 -14.84 12.03
CA ASN B 15 -18.65 -15.55 12.11
C ASN B 15 -19.26 -15.67 10.71
N PRO B 16 -18.74 -16.60 9.88
CA PRO B 16 -19.14 -16.70 8.48
C PRO B 16 -20.62 -16.92 8.22
N LYS B 17 -21.34 -17.50 9.20
CA LYS B 17 -22.80 -17.67 9.11
C LYS B 17 -23.56 -16.36 8.89
N THR B 18 -23.02 -15.26 9.40
CA THR B 18 -23.70 -13.96 9.33
C THR B 18 -23.05 -13.00 8.31
N ALA B 19 -22.14 -13.54 7.49
CA ALA B 19 -21.43 -12.75 6.49
C ALA B 19 -22.35 -12.06 5.49
N ASN B 20 -22.13 -10.78 5.26
CA ASN B 20 -22.85 -10.03 4.26
C ASN B 20 -21.96 -9.01 3.55
N VAL B 21 -20.84 -9.49 3.03
CA VAL B 21 -19.90 -8.67 2.29
C VAL B 21 -19.88 -9.15 0.82
N PRO B 22 -19.42 -8.29 -0.11
CA PRO B 22 -19.34 -8.72 -1.51
C PRO B 22 -18.52 -10.00 -1.65
N GLN B 23 -18.89 -10.83 -2.61
CA GLN B 23 -18.21 -12.10 -2.86
C GLN B 23 -17.20 -11.89 -3.99
N THR B 24 -16.04 -12.52 -3.88
CA THR B 24 -14.98 -12.26 -4.84
C THR B 24 -14.20 -13.51 -5.27
N VAL B 25 -13.46 -13.39 -6.36
CA VAL B 25 -12.52 -14.42 -6.80
C VAL B 25 -11.25 -14.36 -5.93
N PRO B 26 -10.94 -15.46 -5.21
CA PRO B 26 -9.71 -15.49 -4.43
C PRO B 26 -8.50 -15.23 -5.32
N MET B 27 -7.54 -14.46 -4.80
CA MET B 27 -6.34 -14.08 -5.54
C MET B 27 -5.60 -15.30 -6.10
N ARG B 28 -5.60 -16.40 -5.35
CA ARG B 28 -4.94 -17.64 -5.80
C ARG B 28 -5.54 -18.25 -7.06
N LEU B 29 -6.79 -17.89 -7.35
CA LEU B 29 -7.48 -18.47 -8.50
C LEU B 29 -7.43 -17.57 -9.73
N ARG B 30 -6.71 -16.45 -9.60
CA ARG B 30 -6.58 -15.49 -10.70
C ARG B 30 -5.34 -15.78 -11.54
N LYS B 31 -5.28 -15.15 -12.71
CA LYS B 31 -4.13 -15.26 -13.59
C LYS B 31 -3.00 -14.33 -13.15
N LEU B 32 -2.24 -14.82 -12.17
CA LEU B 32 -1.14 -14.08 -11.54
C LEU B 32 0.11 -14.94 -11.53
N PRO B 33 1.32 -14.32 -11.48
CA PRO B 33 2.57 -15.08 -11.48
C PRO B 33 2.69 -15.98 -10.25
N ASP B 34 3.42 -17.09 -10.38
CA ASP B 34 3.67 -18.03 -9.29
C ASP B 34 4.33 -17.37 -8.08
N SER B 35 5.22 -16.41 -8.35
CA SER B 35 5.95 -15.72 -7.28
C SER B 35 5.01 -14.94 -6.37
N PHE B 36 3.81 -14.65 -6.87
CA PHE B 36 2.82 -13.87 -6.13
C PHE B 36 2.46 -14.53 -4.80
N PHE B 37 2.61 -15.85 -4.72
CA PHE B 37 2.27 -16.59 -3.50
C PHE B 37 3.45 -17.33 -2.89
N LYS B 38 4.64 -17.14 -3.47
CA LYS B 38 5.89 -17.66 -2.94
C LYS B 38 6.79 -16.50 -2.52
N PRO B 39 6.82 -16.18 -1.21
CA PRO B 39 7.65 -15.08 -0.70
C PRO B 39 9.16 -15.39 -0.78
N PRO B 40 10.01 -14.34 -0.86
CA PRO B 40 11.46 -14.58 -0.83
C PRO B 40 12.00 -14.66 0.59
C1 GOL C . -15.61 -6.67 -4.30
O1 GOL C . -16.32 -5.49 -4.60
C2 GOL C . -14.22 -6.64 -4.94
O2 GOL C . -13.64 -5.36 -4.85
C3 GOL C . -13.26 -7.63 -4.28
O3 GOL C . -12.32 -8.04 -5.23
C1 MYR D . -3.88 7.20 6.65
O1 MYR D . -3.55 8.28 7.10
C2 MYR D . -3.14 6.75 5.41
C3 MYR D . -3.40 5.31 4.97
C4 MYR D . -2.22 4.38 5.28
C5 MYR D . -0.93 4.74 4.54
C6 MYR D . -0.34 3.50 3.89
C7 MYR D . 0.68 2.82 4.81
C8 MYR D . 0.75 1.31 4.57
C9 MYR D . 0.20 0.59 5.80
C10 MYR D . 0.72 -0.85 5.88
C11 MYR D . 0.58 -1.36 7.32
C12 MYR D . 0.72 -2.87 7.37
C13 MYR D . -0.62 -3.51 7.77
C14 MYR D . -0.98 -4.63 6.79
#